data_1RAM
#
_entry.id   1RAM
#
_cell.length_a   65.690
_cell.length_b   81.080
_cell.length_c   167.560
_cell.angle_alpha   90.00
_cell.angle_beta   90.00
_cell.angle_gamma   90.00
#
_symmetry.space_group_name_H-M   'P 21 21 21'
#
loop_
_entity.id
_entity.type
_entity.pdbx_description
1 polymer "DNA (5'-D(*CP*GP*GP*CP*TP*GP*GP*AP*AP*AP*TP*TP*TP*CP*CP*AP*GP*CP*CP*G)-3')"
2 polymer 'PROTEIN (TRANSCRIPTION FACTOR NF-KB P65)'
3 non-polymer 2,3-DIHYDROXY-1,4-DITHIOBUTANE
4 water water
#
loop_
_entity_poly.entity_id
_entity_poly.type
_entity_poly.pdbx_seq_one_letter_code
_entity_poly.pdbx_strand_id
1 'polydeoxyribonucleotide' (DC)(DG)(DG)(DC)(DT)(DG)(DG)(DA)(DA)(DA)(DT)(DT)(DT)(DC)(DC)(DA)(DG)(DC)(DC)(DG) C,D
2 'polypeptide(L)'
;PYVEIIEQPKQRGMRFRYKCEGRSAGSIPGERSTDTTKTHPTIKINGYTGPGTVRISLVTKDPPHRPHPHELVGKDCRDG
YYEADLCPDRSIHSFQNLGIQCVKKRDLEQAISQRIQTNNNPFHVPIEEQRGDYDLNAVRLCFQVTVRDPAGRPLLLTPV
LSHPIFDNRAPNTAELKICRVNRNSGSCLGGDEIFLLCDKVQKEDIEVYFTGPGWEARGSFSQADVHRQVAIVFRTPPYA
DPSLQAPVRVSMQLRRPSDRELSEPMEFQYLPD
;
A,B
#
loop_
_chem_comp.id
_chem_comp.type
_chem_comp.name
_chem_comp.formula
DA DNA linking 2'-DEOXYADENOSINE-5'-MONOPHOSPHATE 'C10 H14 N5 O6 P'
DC DNA linking 2'-DEOXYCYTIDINE-5'-MONOPHOSPHATE 'C9 H14 N3 O7 P'
DG DNA linking 2'-DEOXYGUANOSINE-5'-MONOPHOSPHATE 'C10 H14 N5 O7 P'
DT DNA linking THYMIDINE-5'-MONOPHOSPHATE 'C10 H15 N2 O8 P'
DTT non-polymer 2,3-DIHYDROXY-1,4-DITHIOBUTANE 'C4 H10 O2 S2'
#
# COMPACT_ATOMS: atom_id res chain seq x y z
N PRO C 1 -26.59 -38.58 -13.35
CA PRO C 1 -25.36 -38.49 -12.55
C PRO C 1 -25.37 -37.19 -11.83
N TYR C 2 -24.45 -37.02 -10.90
CA TYR C 2 -24.42 -35.78 -10.18
C TYR C 2 -23.04 -35.51 -9.66
N VAL C 3 -22.65 -34.26 -9.78
CA VAL C 3 -21.33 -33.79 -9.40
C VAL C 3 -21.32 -33.44 -7.93
N GLU C 4 -20.21 -33.71 -7.25
CA GLU C 4 -20.06 -33.33 -5.86
C GLU C 4 -18.64 -32.87 -5.66
N ILE C 5 -18.43 -31.98 -4.70
CA ILE C 5 -17.12 -31.40 -4.42
C ILE C 5 -16.44 -32.15 -3.29
N ILE C 6 -15.53 -33.04 -3.66
CA ILE C 6 -14.73 -33.88 -2.77
C ILE C 6 -13.67 -33.05 -2.06
N GLU C 7 -13.35 -31.90 -2.66
CA GLU C 7 -12.35 -31.00 -2.13
C GLU C 7 -12.59 -29.59 -2.65
N GLN C 8 -13.00 -28.74 -1.72
CA GLN C 8 -13.32 -27.33 -1.95
C GLN C 8 -12.03 -26.52 -2.09
N PRO C 9 -12.08 -25.38 -2.79
CA PRO C 9 -10.89 -24.53 -2.94
C PRO C 9 -10.61 -23.84 -1.59
N LYS C 10 -9.35 -23.52 -1.28
CA LYS C 10 -9.07 -22.87 -0.01
C LYS C 10 -9.78 -21.53 -0.03
N GLN C 11 -10.59 -21.31 0.98
CA GLN C 11 -11.39 -20.10 1.07
C GLN C 11 -10.60 -18.82 1.23
N ARG C 12 -9.55 -18.84 2.04
CA ARG C 12 -8.75 -17.63 2.23
C ARG C 12 -7.20 -17.68 2.23
N GLY C 13 -6.62 -16.48 2.25
CA GLY C 13 -5.18 -16.32 2.26
C GLY C 13 -4.56 -16.04 0.91
N MET C 14 -5.36 -16.08 -0.14
CA MET C 14 -4.86 -15.87 -1.49
C MET C 14 -5.34 -14.60 -2.13
N ARG C 15 -4.41 -13.72 -2.50
CA ARG C 15 -4.83 -12.52 -3.18
C ARG C 15 -5.05 -12.75 -4.65
N PHE C 16 -6.08 -12.10 -5.20
CA PHE C 16 -6.39 -12.23 -6.62
C PHE C 16 -5.47 -11.24 -7.35
N ARG C 17 -4.77 -11.73 -8.36
CA ARG C 17 -3.85 -10.93 -9.12
C ARG C 17 -4.55 -10.26 -10.33
N TYR C 18 -4.10 -9.05 -10.68
CA TYR C 18 -4.67 -8.32 -11.80
C TYR C 18 -3.91 -8.74 -13.05
N LYS C 19 -4.44 -8.37 -14.23
CA LYS C 19 -3.84 -8.73 -15.53
C LYS C 19 -2.44 -8.16 -15.66
N CYS C 20 -2.24 -6.99 -15.06
CA CYS C 20 -0.95 -6.36 -15.10
C CYS C 20 0.09 -7.19 -14.37
N GLU C 21 -0.30 -8.35 -13.87
CA GLU C 21 0.67 -9.18 -13.19
C GLU C 21 0.87 -10.49 -13.93
N GLY C 22 0.02 -10.75 -14.93
CA GLY C 22 0.14 -11.98 -15.69
C GLY C 22 -1.17 -12.65 -16.04
N ARG C 23 -1.19 -13.30 -17.21
CA ARG C 23 -2.34 -14.03 -17.75
C ARG C 23 -2.33 -15.43 -17.14
N SER C 24 -1.70 -15.52 -15.99
CA SER C 24 -1.54 -16.75 -15.27
C SER C 24 -1.48 -16.37 -13.79
N ALA C 25 -2.32 -16.99 -12.96
CA ALA C 25 -2.30 -16.70 -11.53
C ALA C 25 -2.00 -17.99 -10.75
N GLY C 26 -1.15 -17.82 -9.73
CA GLY C 26 -0.70 -18.89 -8.87
C GLY C 26 -1.27 -20.29 -8.96
N SER C 27 -2.58 -20.37 -8.75
CA SER C 27 -3.39 -21.59 -8.78
C SER C 27 -3.99 -21.92 -7.42
N ILE C 28 -5.32 -21.91 -7.41
CA ILE C 28 -6.14 -22.21 -6.24
C ILE C 28 -5.79 -23.62 -5.74
N PRO C 29 -5.37 -23.75 -4.47
CA PRO C 29 -5.01 -25.01 -3.85
C PRO C 29 -6.26 -25.56 -3.17
N GLY C 30 -6.19 -26.81 -2.74
CA GLY C 30 -7.34 -27.38 -2.08
C GLY C 30 -7.38 -26.89 -0.66
N GLU C 31 -8.58 -26.72 -0.16
CA GLU C 31 -8.82 -26.27 1.20
C GLU C 31 -8.01 -27.00 2.24
N ARG C 32 -7.71 -28.28 1.98
CA ARG C 32 -6.95 -29.11 2.94
C ARG C 32 -5.46 -29.17 2.66
N SER C 33 -4.93 -28.13 2.03
CA SER C 33 -3.51 -28.15 1.73
C SER C 33 -2.56 -27.78 2.86
N THR C 34 -1.39 -28.40 2.82
CA THR C 34 -0.33 -28.16 3.77
C THR C 34 0.97 -28.48 3.08
N ASP C 35 1.97 -27.70 3.42
CA ASP C 35 3.33 -27.82 2.94
C ASP C 35 3.76 -29.26 2.57
N THR C 36 3.33 -30.22 3.39
CA THR C 36 3.67 -31.61 3.17
C THR C 36 2.83 -32.30 2.11
N THR C 37 1.53 -32.30 2.30
CA THR C 37 0.64 -32.97 1.35
C THR C 37 -0.26 -31.97 0.60
N LYS C 38 0.10 -31.66 -0.65
CA LYS C 38 -0.66 -30.70 -1.45
C LYS C 38 -2.00 -31.20 -1.98
N THR C 39 -3.02 -30.33 -1.89
CA THR C 39 -4.39 -30.63 -2.33
C THR C 39 -4.94 -29.59 -3.34
N HIS C 40 -5.92 -30.00 -4.15
CA HIS C 40 -6.51 -29.14 -5.20
C HIS C 40 -8.03 -29.32 -5.39
N PRO C 41 -8.71 -28.29 -5.91
CA PRO C 41 -10.17 -28.48 -6.08
C PRO C 41 -10.48 -29.71 -6.90
N THR C 42 -11.16 -30.67 -6.25
CA THR C 42 -11.54 -31.92 -6.89
C THR C 42 -13.05 -32.06 -6.84
N ILE C 43 -13.60 -32.76 -7.84
CA ILE C 43 -15.03 -33.06 -7.88
C ILE C 43 -15.18 -34.56 -8.19
N LYS C 44 -16.33 -35.12 -7.85
CA LYS C 44 -16.63 -36.52 -8.13
C LYS C 44 -17.92 -36.52 -8.87
N ILE C 45 -18.02 -37.33 -9.93
CA ILE C 45 -19.24 -37.45 -10.74
C ILE C 45 -19.88 -38.77 -10.31
N ASN C 46 -20.95 -38.68 -9.53
CA ASN C 46 -21.67 -39.88 -9.06
C ASN C 46 -22.61 -40.42 -10.13
N GLY C 47 -22.35 -41.65 -10.54
CA GLY C 47 -23.19 -42.27 -11.55
C GLY C 47 -22.82 -42.05 -13.00
N TYR C 48 -21.52 -42.09 -13.30
CA TYR C 48 -21.08 -41.96 -14.67
C TYR C 48 -19.59 -42.09 -14.84
N THR C 49 -19.18 -42.74 -15.91
CA THR C 49 -17.77 -42.86 -16.24
C THR C 49 -17.66 -43.04 -17.74
N GLY C 50 -16.65 -42.36 -18.30
CA GLY C 50 -16.46 -42.40 -19.74
C GLY C 50 -16.38 -40.98 -20.27
N PRO C 51 -16.53 -40.77 -21.60
CA PRO C 51 -16.48 -39.48 -22.27
C PRO C 51 -17.27 -38.39 -21.59
N GLY C 52 -16.69 -37.20 -21.57
CA GLY C 52 -17.32 -36.04 -20.95
C GLY C 52 -16.39 -34.83 -20.92
N THR C 53 -16.94 -33.68 -20.51
CA THR C 53 -16.22 -32.40 -20.45
C THR C 53 -16.50 -31.71 -19.12
N VAL C 54 -15.63 -30.80 -18.72
CA VAL C 54 -15.84 -30.06 -17.48
C VAL C 54 -15.46 -28.58 -17.65
N ARG C 55 -16.39 -27.67 -17.38
CA ARG C 55 -16.13 -26.22 -17.48
C ARG C 55 -16.16 -25.62 -16.09
N ILE C 56 -15.25 -24.71 -15.83
CA ILE C 56 -15.20 -24.12 -14.53
C ILE C 56 -15.34 -22.61 -14.65
N SER C 57 -16.58 -22.12 -14.56
CA SER C 57 -16.92 -20.72 -14.65
C SER C 57 -16.69 -20.12 -13.28
N LEU C 58 -16.92 -18.82 -13.16
CA LEU C 58 -16.76 -18.14 -11.88
C LEU C 58 -18.13 -17.48 -11.75
N VAL C 59 -18.69 -17.45 -10.56
CA VAL C 59 -20.00 -16.87 -10.41
C VAL C 59 -19.98 -16.14 -9.13
N THR C 60 -20.88 -15.17 -9.00
CA THR C 60 -21.00 -14.36 -7.81
C THR C 60 -21.25 -15.18 -6.54
N LYS C 61 -20.75 -14.67 -5.40
CA LYS C 61 -20.93 -15.28 -4.10
C LYS C 61 -22.40 -15.53 -3.65
N ASP C 62 -23.25 -14.50 -3.65
CA ASP C 62 -24.68 -14.56 -3.23
C ASP C 62 -25.74 -15.01 -4.26
N PRO C 63 -26.74 -15.78 -3.81
CA PRO C 63 -27.86 -16.35 -4.57
C PRO C 63 -28.07 -16.03 -6.04
N PRO C 64 -28.38 -14.77 -6.44
CA PRO C 64 -28.54 -14.67 -7.91
C PRO C 64 -27.15 -14.83 -8.46
N HIS C 65 -26.89 -16.02 -8.97
CA HIS C 65 -25.58 -16.37 -9.45
C HIS C 65 -25.20 -15.90 -10.86
N ARG C 66 -24.94 -14.59 -10.94
CA ARG C 66 -24.54 -13.93 -12.17
C ARG C 66 -23.10 -14.32 -12.39
N PRO C 67 -22.68 -14.42 -13.68
CA PRO C 67 -21.27 -14.78 -13.98
C PRO C 67 -20.49 -13.61 -13.47
N HIS C 68 -19.40 -13.87 -12.76
CA HIS C 68 -18.60 -12.79 -12.21
C HIS C 68 -17.75 -12.07 -13.26
N PRO C 69 -17.40 -10.80 -13.00
CA PRO C 69 -16.57 -10.00 -13.91
C PRO C 69 -15.16 -10.59 -13.97
N HIS C 70 -14.65 -11.07 -12.82
CA HIS C 70 -13.32 -11.68 -12.73
C HIS C 70 -13.23 -12.84 -13.70
N GLU C 71 -12.02 -13.37 -13.86
CA GLU C 71 -11.81 -14.51 -14.76
C GLU C 71 -10.79 -15.45 -14.23
N LEU C 72 -10.98 -16.68 -14.66
CA LEU C 72 -10.19 -17.81 -14.22
C LEU C 72 -9.10 -17.86 -15.27
N VAL C 73 -7.88 -18.13 -14.84
CA VAL C 73 -6.75 -18.14 -15.75
C VAL C 73 -5.77 -19.26 -15.47
N GLY C 74 -5.32 -19.95 -16.51
CA GLY C 74 -4.35 -21.04 -16.30
C GLY C 74 -4.41 -22.08 -17.41
N LYS C 75 -3.99 -23.32 -17.15
CA LYS C 75 -4.06 -24.33 -18.20
C LYS C 75 -5.51 -24.42 -18.62
N ASP C 76 -5.71 -24.83 -19.86
CA ASP C 76 -7.02 -24.96 -20.45
C ASP C 76 -8.06 -23.87 -20.24
N CYS C 77 -7.64 -22.70 -19.77
CA CYS C 77 -8.57 -21.57 -19.59
C CYS C 77 -8.72 -20.73 -20.87
N ARG C 78 -9.76 -19.93 -20.97
CA ARG C 78 -10.02 -19.10 -22.13
C ARG C 78 -11.32 -18.34 -21.86
N ASP C 79 -11.33 -17.04 -22.09
CA ASP C 79 -12.51 -16.20 -21.85
C ASP C 79 -12.94 -16.17 -20.39
N GLY C 80 -12.02 -16.41 -19.47
CA GLY C 80 -12.35 -16.39 -18.05
C GLY C 80 -12.98 -17.64 -17.44
N TYR C 81 -12.84 -18.77 -18.12
CA TYR C 81 -13.37 -20.02 -17.64
C TYR C 81 -12.46 -21.11 -18.08
N TYR C 82 -12.46 -22.23 -17.35
CA TYR C 82 -11.66 -23.39 -17.67
C TYR C 82 -12.52 -24.28 -18.55
N GLU C 83 -11.91 -25.15 -19.34
CA GLU C 83 -12.66 -26.07 -20.17
C GLU C 83 -11.73 -27.17 -20.53
N ALA C 84 -12.22 -28.40 -20.43
CA ALA C 84 -11.35 -29.52 -20.71
C ALA C 84 -12.07 -30.86 -20.76
N ASP C 85 -11.53 -31.78 -21.54
CA ASP C 85 -12.09 -33.11 -21.68
C ASP C 85 -11.86 -33.92 -20.43
N LEU C 86 -12.98 -34.39 -19.88
CA LEU C 86 -13.03 -35.23 -18.70
C LEU C 86 -12.30 -36.52 -19.00
N CYS C 87 -11.53 -37.02 -18.04
CA CYS C 87 -10.84 -38.28 -18.24
C CYS C 87 -12.00 -39.26 -18.35
N PRO C 88 -11.98 -40.16 -19.36
CA PRO C 88 -13.11 -41.08 -19.44
C PRO C 88 -12.98 -42.37 -18.63
N ASP C 89 -11.84 -42.57 -17.98
CA ASP C 89 -11.64 -43.77 -17.18
C ASP C 89 -11.29 -43.45 -15.75
N ARG C 90 -11.88 -42.36 -15.25
CA ARG C 90 -11.70 -41.91 -13.86
C ARG C 90 -12.93 -41.11 -13.49
N SER C 91 -13.26 -41.06 -12.20
CA SER C 91 -14.43 -40.33 -11.74
C SER C 91 -14.19 -39.17 -10.75
N ILE C 92 -12.94 -39.05 -10.25
CA ILE C 92 -12.56 -37.96 -9.36
C ILE C 92 -11.65 -37.03 -10.16
N HIS C 93 -11.98 -35.73 -10.21
CA HIS C 93 -11.21 -34.78 -11.01
C HIS C 93 -10.60 -33.62 -10.32
N SER C 94 -9.27 -33.52 -10.41
CA SER C 94 -8.50 -32.43 -9.80
C SER C 94 -8.16 -31.36 -10.82
N PHE C 95 -8.12 -30.13 -10.33
CA PHE C 95 -7.82 -28.96 -11.14
C PHE C 95 -6.72 -28.24 -10.38
N GLN C 96 -5.50 -28.41 -10.87
CA GLN C 96 -4.36 -27.85 -10.17
C GLN C 96 -3.72 -26.60 -10.75
N ASN C 97 -4.29 -26.11 -11.85
CA ASN C 97 -3.77 -24.90 -12.53
C ASN C 97 -4.87 -23.88 -12.80
N LEU C 98 -5.48 -23.40 -11.73
CA LEU C 98 -6.58 -22.45 -11.80
C LEU C 98 -6.24 -21.22 -11.02
N GLY C 99 -6.28 -20.07 -11.70
CA GLY C 99 -5.97 -18.79 -11.07
C GLY C 99 -7.10 -17.85 -11.27
N ILE C 100 -7.30 -16.94 -10.31
CA ILE C 100 -8.41 -15.98 -10.36
C ILE C 100 -7.80 -14.61 -10.64
N GLN C 101 -8.17 -14.05 -11.79
CA GLN C 101 -7.66 -12.78 -12.22
C GLN C 101 -8.72 -11.74 -12.05
N CYS C 102 -8.50 -10.82 -11.12
CA CYS C 102 -9.44 -9.75 -10.84
C CYS C 102 -9.35 -8.59 -11.79
N VAL C 103 -10.51 -8.13 -12.24
CA VAL C 103 -10.62 -7.01 -13.15
C VAL C 103 -10.68 -5.75 -12.33
N LYS C 104 -10.33 -4.64 -12.98
CA LYS C 104 -10.36 -3.33 -12.35
C LYS C 104 -11.81 -2.87 -12.43
N LYS C 105 -12.25 -2.17 -11.38
CA LYS C 105 -13.63 -1.68 -11.26
C LYS C 105 -14.07 -0.95 -12.52
N ARG C 106 -13.12 -0.25 -13.14
CA ARG C 106 -13.33 0.51 -14.38
C ARG C 106 -13.68 -0.42 -15.54
N ASP C 107 -12.97 -1.53 -15.62
CA ASP C 107 -13.11 -2.54 -16.67
C ASP C 107 -14.20 -3.59 -16.42
N LEU C 108 -15.08 -3.30 -15.45
CA LEU C 108 -16.16 -4.22 -15.09
C LEU C 108 -17.14 -4.41 -16.24
N GLU C 109 -17.53 -3.31 -16.88
CA GLU C 109 -18.49 -3.33 -17.99
C GLU C 109 -18.02 -4.10 -19.21
N GLN C 110 -16.71 -4.07 -19.43
CA GLN C 110 -16.13 -4.77 -20.56
C GLN C 110 -16.10 -6.25 -20.20
N ALA C 111 -15.92 -6.52 -18.90
CA ALA C 111 -15.89 -7.89 -18.37
C ALA C 111 -17.20 -8.59 -18.67
N ILE C 112 -18.30 -8.13 -18.07
CA ILE C 112 -19.57 -8.79 -18.34
C ILE C 112 -20.02 -8.89 -19.77
N SER C 113 -19.67 -7.94 -20.61
CA SER C 113 -20.06 -8.08 -22.02
C SER C 113 -19.39 -9.31 -22.59
N GLN C 114 -18.22 -9.64 -22.05
CA GLN C 114 -17.44 -10.81 -22.48
C GLN C 114 -18.10 -12.07 -21.96
N ARG C 115 -18.75 -11.97 -20.80
CA ARG C 115 -19.46 -13.13 -20.26
C ARG C 115 -20.63 -13.41 -21.20
N ILE C 116 -21.36 -12.36 -21.57
CA ILE C 116 -22.51 -12.50 -22.49
C ILE C 116 -22.12 -13.13 -23.81
N GLN C 117 -21.26 -12.41 -24.53
CA GLN C 117 -20.75 -12.84 -25.83
C GLN C 117 -20.26 -14.27 -25.82
N THR C 118 -19.58 -14.69 -24.77
CA THR C 118 -19.09 -16.04 -24.76
C THR C 118 -20.03 -17.04 -24.12
N ASN C 119 -21.27 -16.60 -23.89
CA ASN C 119 -22.30 -17.42 -23.28
C ASN C 119 -21.83 -18.12 -22.03
N ASN C 120 -21.31 -17.35 -21.08
CA ASN C 120 -20.87 -17.91 -19.82
C ASN C 120 -21.83 -17.38 -18.76
N ASN C 121 -22.82 -18.21 -18.47
CA ASN C 121 -23.86 -17.89 -17.49
C ASN C 121 -24.36 -19.25 -16.97
N PRO C 122 -23.58 -19.95 -16.10
CA PRO C 122 -23.97 -21.25 -15.59
C PRO C 122 -25.41 -21.30 -15.17
N PHE C 123 -25.85 -20.31 -14.42
CA PHE C 123 -27.24 -20.32 -13.98
C PHE C 123 -28.21 -19.50 -14.83
N HIS C 124 -27.87 -19.28 -16.10
CA HIS C 124 -28.74 -18.54 -17.03
C HIS C 124 -29.41 -17.25 -16.51
N VAL C 125 -28.73 -16.47 -15.68
CA VAL C 125 -29.33 -15.25 -15.15
C VAL C 125 -29.65 -14.26 -16.26
N PRO C 126 -30.92 -13.84 -16.34
CA PRO C 126 -31.42 -12.89 -17.35
C PRO C 126 -30.80 -11.53 -17.14
N ILE C 127 -30.66 -10.79 -18.25
CA ILE C 127 -30.07 -9.45 -18.24
C ILE C 127 -30.76 -8.55 -17.21
N GLU C 128 -32.07 -8.72 -17.10
CA GLU C 128 -32.88 -7.96 -16.16
C GLU C 128 -32.21 -8.10 -14.80
N GLU C 129 -32.27 -9.32 -14.26
CA GLU C 129 -31.72 -9.62 -12.94
C GLU C 129 -30.21 -9.78 -12.83
N GLN C 130 -29.49 -9.22 -13.79
CA GLN C 130 -28.05 -9.26 -13.76
C GLN C 130 -27.57 -7.95 -13.13
N ARG C 131 -28.37 -6.90 -13.34
CA ARG C 131 -28.08 -5.55 -12.82
C ARG C 131 -27.79 -5.60 -11.34
N GLY C 132 -26.77 -4.86 -10.93
CA GLY C 132 -26.41 -4.83 -9.54
C GLY C 132 -24.92 -4.71 -9.34
N ASP C 133 -24.50 -4.39 -8.14
CA ASP C 133 -23.07 -4.25 -7.89
C ASP C 133 -22.53 -5.66 -7.79
N TYR C 134 -21.24 -5.81 -8.08
CA TYR C 134 -20.58 -7.11 -8.04
C TYR C 134 -19.49 -7.07 -6.99
N ASP C 135 -19.62 -7.87 -5.92
CA ASP C 135 -18.60 -7.95 -4.86
C ASP C 135 -17.35 -8.58 -5.47
N LEU C 136 -16.41 -7.72 -5.83
CA LEU C 136 -15.19 -8.15 -6.47
C LEU C 136 -14.17 -8.82 -5.56
N ASN C 137 -14.47 -8.92 -4.27
CA ASN C 137 -13.56 -9.56 -3.32
C ASN C 137 -13.93 -10.99 -2.94
N ALA C 138 -15.00 -11.53 -3.52
CA ALA C 138 -15.45 -12.90 -3.22
C ALA C 138 -16.11 -13.54 -4.43
N VAL C 139 -15.57 -14.69 -4.83
CA VAL C 139 -16.05 -15.42 -5.99
C VAL C 139 -16.34 -16.91 -5.59
N ARG C 140 -16.91 -17.70 -6.50
CA ARG C 140 -17.19 -19.13 -6.25
C ARG C 140 -16.99 -19.87 -7.54
N LEU C 141 -16.23 -20.96 -7.54
CA LEU C 141 -16.08 -21.72 -8.79
C LEU C 141 -17.43 -22.34 -9.04
N CYS C 142 -17.76 -22.64 -10.30
CA CYS C 142 -19.06 -23.25 -10.59
C CYS C 142 -18.91 -24.34 -11.63
N PHE C 143 -18.46 -25.52 -11.19
CA PHE C 143 -18.21 -26.67 -12.07
C PHE C 143 -19.41 -27.10 -12.84
N GLN C 144 -19.31 -27.09 -14.15
CA GLN C 144 -20.42 -27.46 -14.99
C GLN C 144 -19.96 -28.62 -15.82
N VAL C 145 -20.29 -29.85 -15.42
CA VAL C 145 -19.87 -31.06 -16.11
C VAL C 145 -20.86 -31.62 -17.12
N THR C 146 -20.34 -32.15 -18.22
CA THR C 146 -21.18 -32.74 -19.26
C THR C 146 -20.70 -34.15 -19.58
N VAL C 147 -21.62 -35.08 -19.45
CA VAL C 147 -21.33 -36.46 -19.68
C VAL C 147 -22.37 -36.84 -20.69
N ARG C 148 -22.47 -38.12 -21.04
CA ARG C 148 -23.45 -38.54 -22.04
C ARG C 148 -24.47 -39.46 -21.38
N ASP C 149 -25.58 -39.76 -22.05
CA ASP C 149 -26.51 -40.70 -21.44
C ASP C 149 -26.39 -42.02 -22.21
N PRO C 150 -26.99 -43.12 -21.71
CA PRO C 150 -26.90 -44.42 -22.39
C PRO C 150 -27.19 -44.38 -23.88
N ALA C 151 -28.25 -43.69 -24.29
CA ALA C 151 -28.55 -43.57 -25.71
C ALA C 151 -27.28 -43.06 -26.41
N GLY C 152 -26.47 -42.28 -25.67
CA GLY C 152 -25.20 -41.77 -26.16
C GLY C 152 -25.04 -40.27 -26.34
N ARG C 153 -26.12 -39.51 -26.16
CA ARG C 153 -26.09 -38.06 -26.35
C ARG C 153 -25.54 -37.27 -25.17
N PRO C 154 -24.88 -36.13 -25.46
CA PRO C 154 -24.32 -35.25 -24.43
C PRO C 154 -25.43 -34.81 -23.47
N LEU C 155 -25.15 -35.00 -22.17
CA LEU C 155 -26.05 -34.73 -21.07
C LEU C 155 -25.37 -33.76 -20.11
N LEU C 156 -25.85 -32.54 -20.07
CA LEU C 156 -25.24 -31.58 -19.19
C LEU C 156 -25.78 -31.82 -17.79
N LEU C 157 -24.92 -32.14 -16.85
CA LEU C 157 -25.42 -32.32 -15.48
C LEU C 157 -25.71 -30.92 -14.91
N THR C 158 -26.39 -30.84 -13.79
CA THR C 158 -26.68 -29.54 -13.19
C THR C 158 -25.39 -28.94 -12.64
N PRO C 159 -25.41 -27.63 -12.36
CA PRO C 159 -24.22 -26.95 -11.83
C PRO C 159 -24.00 -27.09 -10.36
N VAL C 160 -22.74 -27.20 -9.96
CA VAL C 160 -22.42 -27.26 -8.56
C VAL C 160 -21.38 -26.18 -8.30
N LEU C 161 -21.61 -25.39 -7.26
CA LEU C 161 -20.76 -24.30 -6.83
C LEU C 161 -19.96 -24.70 -5.63
N SER C 162 -18.85 -24.04 -5.44
CA SER C 162 -17.98 -24.27 -4.31
C SER C 162 -18.46 -23.22 -3.34
N HIS C 163 -17.70 -23.04 -2.25
CA HIS C 163 -18.02 -22.04 -1.26
C HIS C 163 -17.09 -20.88 -1.65
N PRO C 164 -17.45 -19.64 -1.28
CA PRO C 164 -16.64 -18.47 -1.61
C PRO C 164 -15.16 -18.61 -1.46
N ILE C 165 -14.43 -18.08 -2.44
CA ILE C 165 -12.96 -18.01 -2.39
C ILE C 165 -12.88 -16.50 -2.13
N PHE C 166 -12.18 -16.11 -1.05
CA PHE C 166 -12.06 -14.73 -0.67
C PHE C 166 -10.69 -14.17 -1.02
N ASP C 167 -10.69 -12.99 -1.66
CA ASP C 167 -9.47 -12.30 -2.06
C ASP C 167 -8.83 -11.67 -0.82
N ASN C 168 -7.60 -12.03 -0.50
CA ASN C 168 -6.96 -11.46 0.69
C ASN C 168 -6.75 -9.98 0.56
N ARG C 169 -6.74 -9.47 -0.66
CA ARG C 169 -6.54 -8.03 -0.84
C ARG C 169 -7.48 -7.23 0.04
N ALA C 170 -8.63 -7.82 0.37
CA ALA C 170 -9.68 -7.21 1.21
C ALA C 170 -9.60 -7.63 2.67
N PRO C 171 -9.20 -6.70 3.57
CA PRO C 171 -9.09 -7.00 5.00
C PRO C 171 -10.33 -7.56 5.73
N ASN C 172 -11.53 -7.40 5.17
CA ASN C 172 -12.73 -7.91 5.85
C ASN C 172 -13.03 -9.30 5.38
N THR C 173 -12.48 -9.66 4.24
CA THR C 173 -12.64 -10.99 3.69
C THR C 173 -11.30 -11.68 3.71
N ALA C 174 -10.35 -11.15 4.48
CA ALA C 174 -9.04 -11.76 4.48
C ALA C 174 -8.74 -12.67 5.65
N GLU C 175 -7.56 -13.26 5.65
CA GLU C 175 -7.18 -14.17 6.71
C GLU C 175 -6.40 -13.54 7.86
N LEU C 176 -7.06 -13.44 9.00
CA LEU C 176 -6.43 -12.90 10.18
C LEU C 176 -5.18 -13.72 10.52
N LYS C 177 -4.02 -13.06 10.52
CA LYS C 177 -2.76 -13.69 10.85
C LYS C 177 -2.09 -12.87 12.01
N ILE C 178 -1.48 -13.53 12.99
CA ILE C 178 -0.85 -12.80 14.09
C ILE C 178 0.62 -13.01 13.85
N CYS C 179 1.30 -11.99 13.34
CA CYS C 179 2.72 -12.10 13.04
C CYS C 179 3.66 -12.07 14.21
N ARG C 180 3.42 -11.17 15.17
CA ARG C 180 4.31 -11.04 16.32
C ARG C 180 3.52 -10.54 17.54
N VAL C 181 4.11 -10.75 18.72
CA VAL C 181 3.49 -10.36 19.98
C VAL C 181 4.66 -10.17 20.92
N ASN C 182 4.70 -9.06 21.67
CA ASN C 182 5.81 -8.83 22.58
C ASN C 182 5.83 -9.78 23.72
N ARG C 183 4.65 -10.22 24.16
CA ARG C 183 4.59 -11.19 25.27
C ARG C 183 3.50 -12.23 25.09
N ASN C 184 3.85 -13.49 25.33
CA ASN C 184 2.90 -14.58 25.20
C ASN C 184 2.48 -15.07 26.59
N SER C 185 3.01 -14.46 27.64
CA SER C 185 2.63 -14.82 29.00
C SER C 185 2.17 -13.55 29.73
N GLY C 186 1.42 -13.72 30.81
CA GLY C 186 0.95 -12.57 31.57
C GLY C 186 0.43 -13.01 32.92
N SER C 187 -0.31 -12.15 33.59
CA SER C 187 -0.86 -12.47 34.90
C SER C 187 -2.33 -12.87 34.79
N CYS C 188 -2.76 -13.76 35.69
CA CYS C 188 -4.16 -14.24 35.73
C CYS C 188 -5.14 -13.11 36.04
N LEU C 189 -4.61 -12.03 36.62
CA LEU C 189 -5.42 -10.86 36.92
C LEU C 189 -5.56 -10.02 35.64
N GLY C 190 -4.78 -10.33 34.62
CA GLY C 190 -4.89 -9.57 33.39
C GLY C 190 -4.32 -8.19 33.57
N GLY C 191 -4.54 -7.31 32.59
CA GLY C 191 -4.00 -5.96 32.69
C GLY C 191 -2.71 -5.74 31.94
N ASP C 192 -1.99 -6.82 31.63
CA ASP C 192 -0.73 -6.76 30.90
C ASP C 192 -1.00 -6.16 29.55
N GLU C 193 -0.24 -5.14 29.17
CA GLU C 193 -0.44 -4.52 27.85
C GLU C 193 0.31 -5.39 26.87
N ILE C 194 -0.27 -5.59 25.70
CA ILE C 194 0.36 -6.42 24.69
C ILE C 194 0.38 -5.71 23.34
N PHE C 195 1.49 -5.83 22.64
CA PHE C 195 1.70 -5.24 21.31
C PHE C 195 1.65 -6.41 20.38
N LEU C 196 0.64 -6.45 19.53
CA LEU C 196 0.49 -7.56 18.62
C LEU C 196 0.53 -6.98 17.25
N LEU C 197 1.32 -7.61 16.38
CA LEU C 197 1.51 -7.22 14.99
C LEU C 197 0.79 -8.22 14.12
N CYS C 198 -0.15 -7.74 13.29
CA CYS C 198 -0.95 -8.59 12.41
C CYS C 198 -1.02 -8.12 10.96
N ASP C 199 -1.86 -8.75 10.16
CA ASP C 199 -2.00 -8.31 8.77
C ASP C 199 -3.15 -7.29 8.76
N LYS C 200 -3.20 -6.49 7.71
CA LYS C 200 -4.22 -5.47 7.54
C LYS C 200 -5.61 -5.87 8.06
N VAL C 201 -6.00 -5.30 9.20
CA VAL C 201 -7.34 -5.53 9.75
C VAL C 201 -8.19 -4.30 9.36
N GLN C 202 -9.05 -3.85 10.28
CA GLN C 202 -9.95 -2.70 10.13
C GLN C 202 -10.25 -2.37 11.58
N LYS C 203 -9.69 -1.28 12.11
CA LYS C 203 -9.89 -0.93 13.51
C LYS C 203 -11.27 -1.19 14.05
N GLU C 204 -12.28 -0.83 13.27
CA GLU C 204 -13.68 -1.00 13.66
C GLU C 204 -14.32 -2.33 13.29
N ASP C 205 -13.59 -3.43 13.41
CA ASP C 205 -14.15 -4.74 13.07
C ASP C 205 -13.15 -5.83 13.39
N ILE C 206 -12.41 -5.67 14.48
CA ILE C 206 -11.40 -6.65 14.85
C ILE C 206 -11.43 -6.86 16.35
N GLU C 207 -11.02 -8.05 16.81
CA GLU C 207 -11.00 -8.38 18.24
C GLU C 207 -9.90 -9.34 18.60
N VAL C 208 -9.39 -9.23 19.82
CA VAL C 208 -8.40 -10.18 20.30
C VAL C 208 -9.23 -11.03 21.29
N TYR C 209 -9.58 -12.22 20.80
CA TYR C 209 -10.42 -13.18 21.49
C TYR C 209 -9.62 -14.28 22.23
N PHE C 210 -9.69 -14.28 23.56
CA PHE C 210 -9.00 -15.31 24.37
C PHE C 210 -9.96 -16.52 24.53
N THR C 211 -9.43 -17.72 24.81
CA THR C 211 -10.26 -18.93 24.94
C THR C 211 -9.68 -20.18 25.60
N GLY C 212 -10.57 -20.91 26.24
CA GLY C 212 -10.20 -22.14 26.92
C GLY C 212 -11.50 -22.91 27.11
N PRO C 213 -11.47 -24.19 27.50
CA PRO C 213 -12.67 -25.00 27.71
C PRO C 213 -13.62 -24.32 28.69
N GLY C 214 -14.77 -23.88 28.20
CA GLY C 214 -15.70 -23.21 29.09
C GLY C 214 -15.27 -21.81 29.51
N TRP C 215 -14.41 -21.18 28.71
CA TRP C 215 -13.94 -19.82 28.99
C TRP C 215 -13.52 -19.08 27.75
N GLU C 216 -13.94 -17.82 27.67
CA GLU C 216 -13.59 -16.99 26.56
C GLU C 216 -13.58 -15.59 27.15
N ALA C 217 -12.80 -14.70 26.56
CA ALA C 217 -12.66 -13.33 27.02
C ALA C 217 -11.91 -12.52 25.96
N ARG C 218 -12.34 -11.28 25.78
CA ARG C 218 -11.75 -10.39 24.81
C ARG C 218 -10.69 -9.53 25.47
N GLY C 219 -9.70 -9.13 24.69
CA GLY C 219 -8.64 -8.27 25.21
C GLY C 219 -9.18 -6.85 25.14
N SER C 220 -8.69 -5.95 25.97
CA SER C 220 -9.20 -4.59 25.95
C SER C 220 -8.32 -3.61 25.20
N PHE C 221 -8.90 -2.99 24.17
CA PHE C 221 -8.21 -1.98 23.38
C PHE C 221 -9.30 -1.16 22.69
N SER C 222 -8.92 -0.28 21.79
CA SER C 222 -9.92 0.53 21.10
C SER C 222 -9.51 0.79 19.66
N GLN C 223 -10.34 1.47 18.90
CA GLN C 223 -9.98 1.75 17.53
C GLN C 223 -8.74 2.62 17.52
N ALA C 224 -8.57 3.42 18.54
CA ALA C 224 -7.41 4.27 18.61
C ALA C 224 -6.15 3.45 18.76
N ASP C 225 -6.27 2.25 19.31
CA ASP C 225 -5.11 1.37 19.54
C ASP C 225 -4.72 0.46 18.40
N VAL C 226 -5.46 0.53 17.30
CA VAL C 226 -5.16 -0.26 16.12
C VAL C 226 -4.32 0.56 15.14
N HIS C 227 -2.99 0.55 15.38
CA HIS C 227 -2.05 1.30 14.54
C HIS C 227 -2.03 0.89 13.06
N ARG C 228 -2.24 1.86 12.18
CA ARG C 228 -2.22 1.69 10.73
C ARG C 228 -2.62 0.29 10.25
N GLN C 229 -3.75 -0.20 10.74
CA GLN C 229 -4.29 -1.51 10.35
C GLN C 229 -3.43 -2.73 10.62
N VAL C 230 -2.17 -2.55 11.01
CA VAL C 230 -1.29 -3.70 11.19
C VAL C 230 -0.61 -3.90 12.51
N ALA C 231 -1.27 -3.39 13.56
CA ALA C 231 -0.75 -3.52 14.92
C ALA C 231 -1.87 -3.11 15.83
N ILE C 232 -2.01 -3.84 16.94
CA ILE C 232 -3.02 -3.59 17.97
C ILE C 232 -2.31 -3.58 19.31
N VAL C 233 -2.57 -2.58 20.12
CA VAL C 233 -1.98 -2.53 21.46
C VAL C 233 -3.17 -2.65 22.38
N PHE C 234 -3.28 -3.79 23.08
CA PHE C 234 -4.41 -4.02 23.97
C PHE C 234 -3.94 -4.57 25.32
N ARG C 235 -4.87 -4.76 26.25
CA ARG C 235 -4.53 -5.31 27.54
C ARG C 235 -5.28 -6.63 27.77
N THR C 236 -4.53 -7.65 28.19
CA THR C 236 -5.09 -8.97 28.45
C THR C 236 -6.19 -8.88 29.46
N PRO C 237 -7.24 -9.73 29.31
CA PRO C 237 -8.40 -9.85 30.18
C PRO C 237 -8.02 -10.79 31.32
N PRO C 238 -8.68 -10.67 32.47
CA PRO C 238 -8.38 -11.52 33.62
C PRO C 238 -8.70 -12.95 33.25
N TYR C 239 -8.04 -13.90 33.90
CA TYR C 239 -8.31 -15.29 33.64
C TYR C 239 -9.57 -15.71 34.40
N ALA C 240 -10.11 -16.88 34.08
CA ALA C 240 -11.30 -17.38 34.76
C ALA C 240 -11.07 -17.38 36.29
N ASP C 241 -9.88 -17.80 36.69
CA ASP C 241 -9.50 -17.88 38.08
C ASP C 241 -8.24 -17.08 38.40
N PRO C 242 -8.35 -16.16 39.36
CA PRO C 242 -7.24 -15.33 39.79
C PRO C 242 -6.38 -16.03 40.81
N SER C 243 -6.83 -17.18 41.29
CA SER C 243 -6.03 -17.87 42.27
C SER C 243 -5.23 -19.03 41.70
N LEU C 244 -4.62 -18.81 40.53
CA LEU C 244 -3.83 -19.86 39.90
C LEU C 244 -2.69 -20.34 40.77
N GLN C 245 -2.37 -21.62 40.61
CA GLN C 245 -1.29 -22.25 41.35
C GLN C 245 -0.14 -22.59 40.41
N ALA C 246 -0.38 -22.42 39.11
CA ALA C 246 0.61 -22.67 38.06
C ALA C 246 0.06 -22.26 36.67
N PRO C 247 0.96 -21.95 35.70
CA PRO C 247 0.59 -21.54 34.34
C PRO C 247 -0.60 -22.31 33.81
N VAL C 248 -1.45 -21.63 33.05
CA VAL C 248 -2.64 -22.22 32.50
C VAL C 248 -2.68 -21.71 31.09
N ARG C 249 -2.13 -22.46 30.15
CA ARG C 249 -2.09 -21.99 28.76
C ARG C 249 -3.41 -22.03 28.04
N VAL C 250 -3.91 -20.84 27.73
CA VAL C 250 -5.15 -20.67 27.02
C VAL C 250 -4.69 -20.33 25.62
N SER C 251 -5.62 -19.95 24.75
CA SER C 251 -5.21 -19.59 23.41
C SER C 251 -5.75 -18.20 23.05
N MET C 252 -4.88 -17.41 22.44
CA MET C 252 -5.17 -16.05 22.02
C MET C 252 -5.30 -16.06 20.51
N GLN C 253 -6.28 -15.33 20.00
CA GLN C 253 -6.44 -15.27 18.56
C GLN C 253 -7.27 -14.08 18.12
N LEU C 254 -7.06 -13.67 16.87
CA LEU C 254 -7.78 -12.53 16.32
C LEU C 254 -9.14 -12.98 15.86
N ARG C 255 -10.15 -12.20 16.19
CA ARG C 255 -11.51 -12.49 15.81
C ARG C 255 -12.13 -11.28 15.17
N ARG C 256 -12.84 -11.54 14.08
CA ARG C 256 -13.53 -10.52 13.32
C ARG C 256 -15.03 -10.69 13.49
N PRO C 257 -15.68 -9.76 14.21
CA PRO C 257 -17.12 -9.78 14.46
C PRO C 257 -17.97 -9.99 13.19
N SER C 258 -17.86 -9.07 12.22
CA SER C 258 -18.65 -9.14 11.01
C SER C 258 -18.87 -10.55 10.49
N ASP C 259 -17.89 -11.43 10.62
CA ASP C 259 -18.11 -12.79 10.16
C ASP C 259 -17.74 -13.91 11.12
N ARG C 260 -17.43 -13.57 12.37
CA ARG C 260 -17.12 -14.57 13.37
C ARG C 260 -15.96 -15.45 12.97
N GLU C 261 -15.07 -14.89 12.14
CA GLU C 261 -13.88 -15.56 11.64
C GLU C 261 -12.71 -15.44 12.59
N LEU C 262 -11.84 -16.44 12.62
CA LEU C 262 -10.72 -16.42 13.55
C LEU C 262 -9.42 -16.69 12.87
N SER C 263 -8.33 -16.47 13.61
CA SER C 263 -6.98 -16.68 13.11
C SER C 263 -6.41 -17.90 13.82
N GLU C 264 -5.34 -18.48 13.31
CA GLU C 264 -4.76 -19.63 13.98
C GLU C 264 -4.51 -19.18 15.41
N PRO C 265 -4.75 -20.07 16.37
CA PRO C 265 -4.57 -19.77 17.80
C PRO C 265 -3.12 -19.66 18.24
N MET C 266 -2.81 -18.61 18.96
CA MET C 266 -1.46 -18.42 19.47
C MET C 266 -1.56 -18.78 20.94
N GLU C 267 -0.70 -19.68 21.39
CA GLU C 267 -0.77 -20.05 22.79
C GLU C 267 -0.38 -18.92 23.69
N PHE C 268 -1.26 -18.60 24.62
CA PHE C 268 -1.00 -17.60 25.62
C PHE C 268 -1.06 -18.40 26.92
N GLN C 269 -0.11 -18.16 27.81
CA GLN C 269 -0.02 -18.91 29.05
C GLN C 269 -0.16 -18.04 30.29
N TYR C 270 -1.39 -17.91 30.78
CA TYR C 270 -1.65 -17.13 31.98
C TYR C 270 -0.80 -17.66 33.14
N LEU C 271 -0.40 -16.80 34.07
CA LEU C 271 0.43 -17.24 35.17
C LEU C 271 -0.10 -16.67 36.47
N PRO C 272 0.41 -17.17 37.61
CA PRO C 272 -0.03 -16.68 38.91
C PRO C 272 0.50 -15.28 39.14
N ASP C 273 -0.39 -14.41 39.62
CA ASP C 273 -0.07 -13.04 39.96
C ASP C 273 0.68 -13.16 41.28
N PRO D 1 21.18 41.82 -19.72
CA PRO D 1 20.64 41.87 -18.35
C PRO D 1 20.62 40.44 -17.82
N TYR D 2 20.51 40.26 -16.50
CA TYR D 2 20.53 38.92 -15.98
C TYR D 2 19.68 38.70 -14.76
N VAL D 3 18.96 37.56 -14.78
CA VAL D 3 18.08 37.14 -13.70
C VAL D 3 18.87 36.44 -12.60
N GLU D 4 18.47 36.68 -11.37
CA GLU D 4 19.12 36.08 -10.21
C GLU D 4 18.03 35.51 -9.34
N ILE D 5 18.30 34.41 -8.63
CA ILE D 5 17.28 33.85 -7.76
C ILE D 5 17.62 34.26 -6.33
N ILE D 6 16.93 35.27 -5.81
CA ILE D 6 17.23 35.68 -4.45
C ILE D 6 16.42 34.92 -3.40
N GLU D 7 15.58 34.01 -3.87
CA GLU D 7 14.76 33.17 -3.01
C GLU D 7 14.46 31.90 -3.76
N GLN D 8 15.13 30.81 -3.37
CA GLN D 8 14.95 29.49 -3.97
C GLN D 8 13.68 28.83 -3.41
N PRO D 9 13.06 27.90 -4.16
CA PRO D 9 11.85 27.26 -3.62
C PRO D 9 12.28 26.30 -2.51
N LYS D 10 11.40 26.02 -1.55
CA LYS D 10 11.75 25.09 -0.48
C LYS D 10 12.04 23.74 -1.15
N GLN D 11 13.25 23.21 -0.98
CA GLN D 11 13.64 21.91 -1.58
C GLN D 11 12.85 20.69 -1.13
N ARG D 12 12.51 20.63 0.16
CA ARG D 12 11.76 19.51 0.69
C ARG D 12 10.55 20.03 1.45
N GLY D 13 9.38 19.43 1.25
CA GLY D 13 8.19 19.87 1.95
C GLY D 13 6.93 19.90 1.14
N MET D 14 7.06 20.02 -0.19
CA MET D 14 5.88 20.08 -1.05
C MET D 14 5.58 18.69 -1.63
N ARG D 15 4.29 18.40 -1.80
CA ARG D 15 3.82 17.13 -2.35
C ARG D 15 3.08 17.33 -3.67
N PHE D 16 3.58 16.69 -4.71
CA PHE D 16 2.98 16.81 -6.03
C PHE D 16 1.58 16.17 -6.07
N ARG D 17 0.55 16.97 -6.27
CA ARG D 17 -0.80 16.44 -6.35
C ARG D 17 -1.13 15.84 -7.73
N TYR D 18 -1.61 14.61 -7.79
CA TYR D 18 -1.99 14.02 -9.07
C TYR D 18 -3.24 14.77 -9.50
N LYS D 19 -3.63 14.73 -10.77
CA LYS D 19 -4.85 15.45 -11.15
C LYS D 19 -6.05 14.64 -10.68
N CYS D 20 -6.15 14.44 -9.38
CA CYS D 20 -7.25 13.71 -8.77
C CYS D 20 -7.29 14.08 -7.30
N GLU D 21 -6.12 14.27 -6.70
CA GLU D 21 -6.10 14.67 -5.32
C GLU D 21 -6.80 16.03 -5.23
N GLY D 22 -8.07 15.99 -4.81
CA GLY D 22 -8.88 17.20 -4.66
C GLY D 22 -8.76 18.27 -5.74
N ARG D 23 -8.91 19.52 -5.33
CA ARG D 23 -8.85 20.68 -6.23
C ARG D 23 -7.53 21.46 -6.15
N SER D 24 -6.87 21.40 -5.01
CA SER D 24 -5.61 22.09 -4.82
C SER D 24 -4.42 21.25 -5.24
N ALA D 25 -3.37 21.96 -5.69
CA ALA D 25 -2.09 21.38 -6.13
C ALA D 25 -1.00 21.97 -5.23
N GLY D 26 -1.36 23.06 -4.55
CA GLY D 26 -0.44 23.71 -3.63
C GLY D 26 -0.06 25.12 -4.03
N SER D 27 1.05 25.57 -3.44
CA SER D 27 1.65 26.88 -3.69
C SER D 27 3.09 26.89 -3.18
N ILE D 28 4.02 26.44 -4.02
CA ILE D 28 5.43 26.35 -3.67
C ILE D 28 5.95 27.53 -2.88
N PRO D 29 6.36 27.32 -1.62
CA PRO D 29 6.90 28.38 -0.76
C PRO D 29 8.43 28.53 -0.83
N GLY D 30 8.94 29.69 -0.40
CA GLY D 30 10.37 29.94 -0.45
C GLY D 30 11.23 29.23 0.56
N GLU D 31 12.53 29.19 0.29
CA GLU D 31 13.52 28.52 1.13
C GLU D 31 13.44 28.82 2.60
N ARG D 32 12.94 30.00 2.94
CA ARG D 32 12.83 30.41 4.34
C ARG D 32 11.39 30.72 4.75
N SER D 33 10.44 30.01 4.15
CA SER D 33 9.01 30.22 4.42
C SER D 33 8.45 29.40 5.59
N THR D 34 7.94 30.11 6.59
CA THR D 34 7.39 29.49 7.79
C THR D 34 5.91 29.80 7.99
N ASP D 35 5.30 29.06 8.92
CA ASP D 35 3.90 29.18 9.28
C ASP D 35 3.62 30.50 10.01
N THR D 36 4.52 31.46 9.82
CA THR D 36 4.42 32.79 10.42
C THR D 36 5.08 33.78 9.47
N THR D 37 6.27 33.40 8.98
CA THR D 37 7.02 34.23 8.05
C THR D 37 7.06 33.54 6.69
N LYS D 38 6.01 33.75 5.90
CA LYS D 38 5.88 33.16 4.58
C LYS D 38 6.65 33.85 3.45
N THR D 39 7.63 33.15 2.90
CA THR D 39 8.42 33.65 1.77
C THR D 39 8.08 32.81 0.54
N HIS D 40 8.51 33.26 -0.63
CA HIS D 40 8.23 32.55 -1.88
C HIS D 40 9.31 32.67 -2.94
N PRO D 41 9.32 31.75 -3.91
CA PRO D 41 10.34 31.86 -4.94
C PRO D 41 10.35 33.24 -5.62
N THR D 42 11.45 33.98 -5.36
CA THR D 42 11.63 35.30 -5.89
C THR D 42 12.92 35.42 -6.70
N ILE D 43 12.84 36.21 -7.76
CA ILE D 43 13.96 36.46 -8.65
C ILE D 43 14.21 37.96 -8.69
N LYS D 44 15.41 38.32 -9.13
CA LYS D 44 15.79 39.72 -9.28
C LYS D 44 16.43 39.78 -10.66
N ILE D 45 16.00 40.75 -11.47
CA ILE D 45 16.58 40.94 -12.80
C ILE D 45 17.55 42.10 -12.72
N ASN D 46 18.82 41.75 -12.82
CA ASN D 46 19.89 42.72 -12.75
C ASN D 46 20.09 43.42 -14.10
N GLY D 47 20.08 44.77 -14.04
CA GLY D 47 20.26 45.57 -15.23
C GLY D 47 19.06 45.72 -16.17
N TYR D 48 17.88 46.04 -15.63
CA TYR D 48 16.70 46.24 -16.46
C TYR D 48 15.51 46.63 -15.62
N THR D 49 14.80 47.67 -16.06
CA THR D 49 13.58 48.18 -15.39
C THR D 49 12.52 48.51 -16.44
N GLY D 50 11.28 48.06 -16.27
CA GLY D 50 10.26 48.37 -17.26
C GLY D 50 9.60 47.13 -17.84
N PRO D 51 8.82 47.26 -18.92
CA PRO D 51 8.11 46.18 -19.61
C PRO D 51 8.89 44.88 -19.72
N GLY D 52 8.18 43.78 -19.54
CA GLY D 52 8.79 42.46 -19.60
C GLY D 52 7.86 41.36 -19.10
N THR D 53 8.13 40.13 -19.48
CA THR D 53 7.30 39.01 -19.05
C THR D 53 8.15 37.93 -18.41
N VAL D 54 7.51 37.06 -17.62
CA VAL D 54 8.23 35.98 -16.95
C VAL D 54 7.54 34.65 -17.19
N ARG D 55 8.32 33.62 -17.49
CA ARG D 55 7.77 32.29 -17.72
C ARG D 55 8.48 31.30 -16.81
N ILE D 56 7.71 30.49 -16.09
CA ILE D 56 8.32 29.49 -15.23
C ILE D 56 7.97 28.09 -15.69
N SER D 57 8.91 27.45 -16.38
CA SER D 57 8.74 26.10 -16.89
C SER D 57 9.30 25.19 -15.82
N LEU D 58 9.16 23.89 -16.04
CA LEU D 58 9.69 22.90 -15.12
C LEU D 58 10.68 22.14 -16.00
N VAL D 59 11.81 21.77 -15.42
CA VAL D 59 12.80 21.02 -16.18
C VAL D 59 13.37 19.92 -15.29
N THR D 60 13.90 18.88 -15.93
CA THR D 60 14.52 17.77 -15.21
C THR D 60 15.63 18.23 -14.27
N LYS D 61 15.74 17.59 -13.13
CA LYS D 61 16.77 17.93 -12.14
C LYS D 61 18.17 17.84 -12.71
N ASP D 62 18.39 16.79 -13.50
CA ASP D 62 19.69 16.47 -14.08
C ASP D 62 20.07 17.17 -15.37
N PRO D 63 21.38 17.50 -15.51
CA PRO D 63 22.15 18.18 -16.56
C PRO D 63 21.76 18.17 -18.02
N PRO D 64 20.95 17.18 -18.46
CA PRO D 64 20.55 17.21 -19.87
C PRO D 64 19.23 18.03 -19.91
N HIS D 65 18.83 18.50 -18.72
CA HIS D 65 17.68 19.35 -18.40
C HIS D 65 16.48 19.47 -19.32
N ARG D 66 15.98 18.36 -19.83
CA ARG D 66 14.81 18.40 -20.73
C ARG D 66 13.55 18.88 -19.98
N PRO D 67 12.56 19.38 -20.73
CA PRO D 67 11.33 19.84 -20.08
C PRO D 67 10.70 18.65 -19.37
N HIS D 68 10.37 18.84 -18.10
CA HIS D 68 9.80 17.78 -17.28
C HIS D 68 8.38 17.46 -17.68
N PRO D 69 7.97 16.18 -17.47
CA PRO D 69 6.61 15.74 -17.82
C PRO D 69 5.54 16.28 -16.85
N HIS D 70 5.93 16.62 -15.61
CA HIS D 70 4.97 17.17 -14.63
C HIS D 70 4.56 18.55 -15.08
N GLU D 71 3.54 19.12 -14.44
CA GLU D 71 3.04 20.46 -14.78
C GLU D 71 3.11 21.38 -13.60
N LEU D 72 3.15 22.67 -13.88
CA LEU D 72 3.16 23.71 -12.86
C LEU D 72 1.70 24.18 -12.99
N VAL D 73 1.05 24.44 -11.86
CA VAL D 73 -0.36 24.84 -11.90
C VAL D 73 -0.67 25.88 -10.87
N GLY D 74 -1.62 26.74 -11.24
CA GLY D 74 -1.99 27.80 -10.32
C GLY D 74 -2.38 29.05 -11.06
N LYS D 75 -2.20 30.20 -10.41
CA LYS D 75 -2.53 31.46 -11.05
C LYS D 75 -1.63 31.62 -12.30
N ASP D 76 -2.18 32.20 -13.36
CA ASP D 76 -1.46 32.44 -14.62
C ASP D 76 -0.81 31.26 -15.32
N CYS D 77 -1.03 30.04 -14.85
CA CYS D 77 -0.43 28.90 -15.52
C CYS D 77 -1.24 28.40 -16.69
N ARG D 78 -0.58 27.66 -17.57
CA ARG D 78 -1.21 27.12 -18.76
C ARG D 78 -0.26 26.08 -19.28
N ASP D 79 -0.78 24.94 -19.70
CA ASP D 79 0.01 23.86 -20.26
C ASP D 79 1.23 23.44 -19.47
N GLY D 80 1.21 23.62 -18.16
CA GLY D 80 2.34 23.18 -17.36
C GLY D 80 3.47 24.16 -17.04
N TYR D 81 3.24 25.44 -17.31
CA TYR D 81 4.23 26.48 -17.02
C TYR D 81 3.47 27.70 -16.58
N TYR D 82 4.20 28.62 -15.96
CA TYR D 82 3.64 29.87 -15.49
C TYR D 82 4.07 30.92 -16.48
N GLU D 83 3.33 32.02 -16.55
CA GLU D 83 3.67 33.11 -17.46
C GLU D 83 2.94 34.39 -17.14
N ALA D 84 3.60 35.26 -16.40
CA ALA D 84 3.02 36.53 -16.06
C ALA D 84 3.88 37.68 -16.61
N ASP D 85 3.20 38.74 -17.05
CA ASP D 85 3.88 39.91 -17.56
C ASP D 85 4.40 40.64 -16.34
N LEU D 86 5.72 40.80 -16.27
CA LEU D 86 6.40 41.44 -15.17
C LEU D 86 5.84 42.81 -14.86
N CYS D 87 6.34 43.38 -13.75
CA CYS D 87 5.97 44.72 -13.32
C CYS D 87 7.13 45.71 -13.50
N PRO D 88 6.87 46.82 -14.19
CA PRO D 88 7.95 47.80 -14.39
C PRO D 88 8.29 48.48 -13.07
N ASP D 89 7.28 48.65 -12.22
CA ASP D 89 7.40 49.31 -10.92
C ASP D 89 8.24 48.59 -9.85
N ARG D 90 8.79 47.44 -10.21
CA ARG D 90 9.64 46.65 -9.31
C ARG D 90 10.69 45.85 -10.07
N SER D 91 11.71 45.37 -9.36
CA SER D 91 12.77 44.55 -9.95
C SER D 91 12.92 43.17 -9.27
N ILE D 92 12.32 43.04 -8.08
CA ILE D 92 12.32 41.78 -7.30
C ILE D 92 10.95 41.12 -7.45
N HIS D 93 10.90 39.96 -8.09
CA HIS D 93 9.63 39.27 -8.29
C HIS D 93 9.42 37.97 -7.51
N SER D 94 8.26 37.89 -6.86
CA SER D 94 7.86 36.76 -6.05
C SER D 94 6.60 36.12 -6.60
N PHE D 95 6.52 34.81 -6.45
CA PHE D 95 5.38 34.05 -6.92
C PHE D 95 4.94 33.27 -5.69
N GLN D 96 3.80 33.67 -5.14
CA GLN D 96 3.28 33.02 -3.95
C GLN D 96 2.00 32.33 -4.38
N ASN D 97 2.08 31.47 -5.40
CA ASN D 97 0.87 30.85 -5.89
C ASN D 97 1.12 29.79 -6.96
N LEU D 98 2.19 29.01 -6.87
CA LEU D 98 2.43 28.00 -7.88
C LEU D 98 2.59 26.58 -7.38
N GLY D 99 1.86 25.66 -8.02
CA GLY D 99 1.87 24.26 -7.63
C GLY D 99 2.40 23.28 -8.66
N ILE D 100 2.97 22.17 -8.17
CA ILE D 100 3.57 21.14 -9.03
C ILE D 100 2.71 19.91 -9.20
N GLN D 101 1.98 19.82 -10.29
CA GLN D 101 1.10 18.69 -10.54
C GLN D 101 1.79 17.50 -11.25
N CYS D 102 2.03 16.41 -10.50
CA CYS D 102 2.70 15.22 -11.04
C CYS D 102 1.82 14.41 -11.94
N VAL D 103 2.39 13.87 -13.00
CA VAL D 103 1.62 13.01 -13.90
C VAL D 103 1.96 11.55 -13.63
N LYS D 104 1.04 10.69 -14.03
CA LYS D 104 1.16 9.27 -13.87
C LYS D 104 2.25 8.80 -14.82
N LYS D 105 3.01 7.78 -14.43
CA LYS D 105 4.05 7.22 -15.31
C LYS D 105 3.41 6.75 -16.60
N ARG D 106 2.12 6.39 -16.52
CA ARG D 106 1.39 5.95 -17.70
C ARG D 106 1.24 7.09 -18.69
N ASP D 107 0.82 8.25 -18.20
CA ASP D 107 0.62 9.38 -19.08
C ASP D 107 1.84 10.29 -19.29
N LEU D 108 3.02 9.72 -19.17
CA LEU D 108 4.27 10.45 -19.35
C LEU D 108 4.45 10.88 -20.81
N GLU D 109 4.29 9.95 -21.74
CA GLU D 109 4.48 10.35 -23.12
C GLU D 109 3.43 11.30 -23.66
N GLN D 110 2.27 11.39 -23.01
CA GLN D 110 1.25 12.35 -23.46
C GLN D 110 1.63 13.70 -22.84
N ALA D 111 2.42 13.66 -21.77
CA ALA D 111 2.86 14.89 -21.14
C ALA D 111 3.90 15.50 -22.07
N ILE D 112 5.01 14.81 -22.29
CA ILE D 112 6.05 15.35 -23.17
C ILE D 112 5.54 15.79 -24.56
N SER D 113 4.52 15.13 -25.08
CA SER D 113 3.95 15.51 -26.36
C SER D 113 3.49 16.96 -26.23
N GLN D 114 2.84 17.29 -25.12
CA GLN D 114 2.32 18.64 -24.91
C GLN D 114 3.46 19.61 -24.69
N ARG D 115 4.58 19.10 -24.20
CA ARG D 115 5.74 19.94 -23.98
C ARG D 115 6.21 20.42 -25.39
N ILE D 116 6.31 19.48 -26.32
CA ILE D 116 6.72 19.76 -27.70
C ILE D 116 5.76 20.78 -28.32
N GLN D 117 4.49 20.37 -28.47
CA GLN D 117 3.43 21.18 -29.06
C GLN D 117 3.41 22.62 -28.60
N THR D 118 3.45 22.81 -27.28
CA THR D 118 3.41 24.16 -26.70
C THR D 118 4.78 24.87 -26.67
N ASN D 119 5.77 24.27 -27.34
CA ASN D 119 7.09 24.90 -27.40
C ASN D 119 7.64 25.22 -26.01
N ASN D 120 7.63 24.24 -25.12
CA ASN D 120 8.16 24.44 -23.78
C ASN D 120 9.41 23.58 -23.64
N ASN D 121 10.56 24.22 -23.84
CA ASN D 121 11.85 23.56 -23.76
C ASN D 121 12.87 24.65 -23.49
N PRO D 122 12.93 25.14 -22.23
CA PRO D 122 13.85 26.18 -21.79
C PRO D 122 15.20 26.12 -22.47
N PHE D 123 15.80 24.95 -22.43
CA PHE D 123 17.14 24.75 -23.00
C PHE D 123 17.18 24.07 -24.37
N HIS D 124 16.10 24.20 -25.13
CA HIS D 124 15.97 23.62 -26.47
C HIS D 124 16.58 22.25 -26.73
N VAL D 125 16.35 21.33 -25.79
CA VAL D 125 16.85 19.95 -25.88
C VAL D 125 16.23 19.30 -27.13
N PRO D 126 17.05 19.03 -28.15
CA PRO D 126 16.48 18.42 -29.36
C PRO D 126 15.58 17.21 -29.10
N ILE D 127 14.58 17.07 -29.97
CA ILE D 127 13.59 16.00 -29.88
C ILE D 127 14.16 14.60 -29.65
N GLU D 128 15.26 14.27 -30.30
CA GLU D 128 15.85 12.95 -30.12
C GLU D 128 16.15 12.64 -28.64
N GLU D 129 16.10 13.68 -27.82
CA GLU D 129 16.36 13.57 -26.37
C GLU D 129 15.13 13.59 -25.46
N GLN D 130 13.96 13.94 -26.01
CA GLN D 130 12.72 13.97 -25.19
C GLN D 130 12.49 12.62 -24.53
N ARG D 131 13.24 11.63 -25.03
CA ARG D 131 13.20 10.27 -24.55
C ARG D 131 14.26 10.05 -23.49
N GLY D 132 13.94 9.20 -22.51
CA GLY D 132 14.87 8.92 -21.45
C GLY D 132 14.17 8.62 -20.14
N ASP D 133 14.94 8.54 -19.07
CA ASP D 133 14.41 8.24 -17.76
C ASP D 133 14.06 9.49 -16.94
N TYR D 134 12.79 9.91 -16.98
CA TYR D 134 12.36 11.08 -16.22
C TYR D 134 12.15 10.85 -14.72
N ASP D 135 13.11 11.30 -13.92
CA ASP D 135 13.06 11.20 -12.47
C ASP D 135 11.82 11.98 -12.03
N LEU D 136 10.68 11.30 -11.90
CA LEU D 136 9.43 11.96 -11.53
C LEU D 136 9.30 12.55 -10.13
N ASN D 137 10.29 12.37 -9.27
CA ASN D 137 10.17 12.91 -7.91
C ASN D 137 11.07 14.10 -7.57
N ALA D 138 11.65 14.70 -8.61
CA ALA D 138 12.52 15.88 -8.44
C ALA D 138 12.47 16.70 -9.71
N VAL D 139 12.10 17.97 -9.52
CA VAL D 139 12.00 18.95 -10.60
C VAL D 139 12.83 20.17 -10.23
N ARG D 140 12.95 21.08 -11.20
CA ARG D 140 13.66 22.35 -11.02
C ARG D 140 12.88 23.42 -11.74
N LEU D 141 12.60 24.53 -11.05
CA LEU D 141 11.89 25.66 -11.65
C LEU D 141 12.85 26.21 -12.67
N CYS D 142 12.36 26.71 -13.80
CA CYS D 142 13.27 27.28 -14.79
C CYS D 142 12.79 28.63 -15.25
N PHE D 143 13.01 29.67 -14.44
CA PHE D 143 12.62 31.04 -14.75
C PHE D 143 13.21 31.58 -16.07
N GLN D 144 12.36 31.87 -17.04
CA GLN D 144 12.85 32.41 -18.31
C GLN D 144 12.20 33.78 -18.57
N VAL D 145 12.92 34.82 -18.10
CA VAL D 145 12.54 36.25 -18.24
C VAL D 145 12.77 36.90 -19.61
N THR D 146 11.82 37.72 -20.04
CA THR D 146 11.88 38.43 -21.30
C THR D 146 11.68 39.92 -21.05
N VAL D 147 12.73 40.68 -21.32
CA VAL D 147 12.75 42.12 -21.14
C VAL D 147 13.01 42.74 -22.53
N ARG D 148 13.01 44.06 -22.65
CA ARG D 148 13.24 44.68 -23.95
C ARG D 148 14.71 45.05 -24.19
N ASP D 149 15.14 45.01 -25.46
CA ASP D 149 16.51 45.40 -25.84
C ASP D 149 16.54 46.95 -26.07
N PRO D 150 17.73 47.58 -26.39
CA PRO D 150 17.75 49.02 -26.59
C PRO D 150 16.77 49.47 -27.64
N ALA D 151 16.61 48.68 -28.69
CA ALA D 151 15.67 49.06 -29.71
C ALA D 151 14.22 48.84 -29.27
N GLY D 152 14.03 48.45 -28.01
CA GLY D 152 12.68 48.22 -27.52
C GLY D 152 12.11 46.86 -27.93
N ARG D 153 12.83 46.12 -28.78
CA ARG D 153 12.36 44.81 -29.20
C ARG D 153 12.54 43.86 -28.03
N PRO D 154 11.66 42.85 -27.90
CA PRO D 154 11.78 41.87 -26.81
C PRO D 154 13.11 41.13 -26.83
N LEU D 155 13.75 41.08 -25.68
CA LEU D 155 15.04 40.46 -25.51
C LEU D 155 14.91 39.40 -24.44
N LEU D 156 15.06 38.15 -24.87
CA LEU D 156 14.93 37.02 -23.98
C LEU D 156 16.24 36.79 -23.25
N LEU D 157 16.23 36.95 -21.93
CA LEU D 157 17.43 36.71 -21.14
C LEU D 157 17.65 35.19 -21.09
N THR D 158 18.85 34.79 -20.68
CA THR D 158 19.20 33.36 -20.55
C THR D 158 18.33 32.74 -19.45
N PRO D 159 18.22 31.40 -19.45
CA PRO D 159 17.41 30.71 -18.44
C PRO D 159 18.14 30.58 -17.14
N VAL D 160 17.39 30.67 -16.05
CA VAL D 160 17.93 30.55 -14.71
C VAL D 160 17.11 29.52 -13.97
N LEU D 161 17.76 28.44 -13.55
CA LEU D 161 17.07 27.38 -12.82
C LEU D 161 17.44 27.32 -11.36
N SER D 162 16.47 26.86 -10.57
CA SER D 162 16.57 26.72 -9.14
C SER D 162 17.17 25.34 -8.82
N HIS D 163 17.39 25.08 -7.54
CA HIS D 163 17.88 23.78 -7.11
C HIS D 163 16.63 22.88 -7.08
N PRO D 164 16.83 21.55 -7.06
CA PRO D 164 15.70 20.61 -7.05
C PRO D 164 14.66 20.80 -5.98
N ILE D 165 13.42 20.52 -6.34
CA ILE D 165 12.34 20.55 -5.39
C ILE D 165 12.13 19.03 -5.26
N PHE D 166 11.53 18.60 -4.15
CA PHE D 166 11.28 17.18 -3.94
C PHE D 166 9.86 16.86 -3.44
N ASP D 167 9.24 15.86 -4.06
CA ASP D 167 7.89 15.45 -3.71
C ASP D 167 7.91 14.76 -2.36
N ASN D 168 7.33 15.40 -1.34
CA ASN D 168 7.30 14.82 0.01
C ASN D 168 6.63 13.44 0.01
N ARG D 169 5.52 13.30 -0.71
CA ARG D 169 4.80 12.02 -0.81
C ARG D 169 5.63 11.02 -1.58
N ALA D 170 6.83 10.78 -1.10
CA ALA D 170 7.74 9.88 -1.73
C ALA D 170 8.38 9.11 -0.59
N PRO D 171 8.99 7.96 -0.89
CA PRO D 171 9.66 7.05 0.03
C PRO D 171 10.54 7.69 1.09
N ASN D 172 11.63 8.29 0.66
CA ASN D 172 12.63 8.89 1.58
C ASN D 172 12.39 10.32 2.04
N THR D 173 11.45 11.01 1.40
CA THR D 173 11.18 12.39 1.76
C THR D 173 10.08 12.60 2.80
N ALA D 174 9.45 11.53 3.26
CA ALA D 174 8.41 11.68 4.27
C ALA D 174 9.06 11.86 5.62
N GLU D 175 8.34 12.45 6.56
CA GLU D 175 8.88 12.72 7.89
C GLU D 175 8.86 11.54 8.87
N LEU D 176 9.78 11.58 9.84
CA LEU D 176 9.98 10.56 10.88
C LEU D 176 9.20 10.77 12.18
N LYS D 177 8.43 9.76 12.58
CA LYS D 177 7.61 9.89 13.77
C LYS D 177 7.48 8.59 14.55
N ILE D 178 7.58 8.69 15.87
CA ILE D 178 7.49 7.59 16.83
C ILE D 178 6.16 7.69 17.60
N CYS D 179 5.10 7.06 17.09
CA CYS D 179 3.79 7.07 17.70
C CYS D 179 3.65 6.40 19.04
N ARG D 180 4.16 5.19 19.18
CA ARG D 180 4.03 4.44 20.43
C ARG D 180 5.25 3.58 20.65
N VAL D 181 5.45 3.21 21.92
CA VAL D 181 6.58 2.39 22.37
C VAL D 181 6.08 1.64 23.61
N ASN D 182 6.26 0.32 23.65
CA ASN D 182 5.80 -0.47 24.79
C ASN D 182 6.51 -0.13 26.05
N ARG D 183 7.79 0.23 25.96
CA ARG D 183 8.59 0.61 27.12
C ARG D 183 9.56 1.74 26.87
N ASN D 184 9.55 2.72 27.77
CA ASN D 184 10.43 3.87 27.67
C ASN D 184 11.59 3.76 28.64
N SER D 185 11.64 2.66 29.40
CA SER D 185 12.74 2.43 30.34
C SER D 185 13.34 1.06 30.05
N GLY D 186 14.55 0.83 30.54
CA GLY D 186 15.22 -0.43 30.31
C GLY D 186 16.45 -0.57 31.19
N SER D 187 17.30 -1.54 30.88
CA SER D 187 18.49 -1.76 31.69
C SER D 187 19.72 -1.13 31.04
N CYS D 188 20.69 -0.72 31.86
CA CYS D 188 21.92 -0.11 31.35
C CYS D 188 22.77 -1.08 30.57
N LEU D 189 22.50 -2.37 30.74
CA LEU D 189 23.21 -3.40 30.00
C LEU D 189 22.50 -3.57 28.67
N GLY D 190 21.33 -2.97 28.54
CA GLY D 190 20.57 -3.07 27.29
C GLY D 190 20.03 -4.46 27.09
N GLY D 191 19.60 -4.79 25.87
CA GLY D 191 19.06 -6.10 25.61
C GLY D 191 17.56 -6.13 25.62
N ASP D 192 16.93 -5.19 26.33
CA ASP D 192 15.46 -5.10 26.40
C ASP D 192 14.86 -4.99 25.00
N GLU D 193 13.88 -5.83 24.69
CA GLU D 193 13.26 -5.77 23.38
C GLU D 193 12.24 -4.67 23.46
N ILE D 194 12.14 -3.85 22.41
CA ILE D 194 11.20 -2.76 22.38
C ILE D 194 10.36 -2.81 21.12
N PHE D 195 9.06 -2.57 21.26
CA PHE D 195 8.12 -2.54 20.14
C PHE D 195 7.82 -1.08 19.97
N LEU D 196 8.23 -0.51 18.84
CA LEU D 196 8.01 0.89 18.57
C LEU D 196 7.17 0.98 17.34
N LEU D 197 6.09 1.76 17.42
CA LEU D 197 5.15 1.97 16.33
C LEU D 197 5.43 3.36 15.73
N CYS D 198 5.62 3.45 14.41
CA CYS D 198 5.97 4.70 13.75
C CYS D 198 5.17 4.96 12.45
N ASP D 199 5.56 5.97 11.69
CA ASP D 199 4.89 6.24 10.43
C ASP D 199 5.67 5.52 9.35
N LYS D 200 5.02 5.28 8.21
CA LYS D 200 5.60 4.53 7.09
C LYS D 200 7.05 4.79 6.88
N VAL D 201 7.91 3.85 7.26
CA VAL D 201 9.34 4.02 7.01
C VAL D 201 9.79 3.01 5.96
N GLN D 202 11.10 2.87 5.75
CA GLN D 202 11.59 1.90 4.77
C GLN D 202 12.55 1.03 5.55
N LYS D 203 12.26 -0.28 5.62
CA LYS D 203 13.11 -1.20 6.40
C LYS D 203 14.50 -1.17 5.88
N GLU D 204 14.66 -0.76 4.62
CA GLU D 204 15.99 -0.65 4.00
C GLU D 204 16.74 0.60 4.43
N ASP D 205 16.00 1.60 4.91
CA ASP D 205 16.59 2.86 5.34
C ASP D 205 15.91 3.40 6.60
N ILE D 206 16.34 2.95 7.78
CA ILE D 206 15.76 3.42 9.04
C ILE D 206 16.62 2.93 10.20
N GLU D 207 16.65 3.70 11.30
CA GLU D 207 17.44 3.36 12.48
C GLU D 207 16.84 3.92 13.75
N VAL D 208 17.09 3.26 14.87
CA VAL D 208 16.64 3.74 16.18
C VAL D 208 17.91 4.17 16.84
N TYR D 209 18.12 5.47 16.79
CA TYR D 209 19.33 6.13 17.27
C TYR D 209 19.21 6.62 18.71
N PHE D 210 20.07 6.09 19.58
CA PHE D 210 20.08 6.45 21.01
C PHE D 210 21.19 7.47 21.32
N THR D 211 20.86 8.50 22.11
CA THR D 211 21.82 9.56 22.48
C THR D 211 21.73 10.22 23.88
N GLY D 212 22.88 10.71 24.31
CA GLY D 212 23.03 11.38 25.59
C GLY D 212 24.20 12.33 25.42
N PRO D 213 24.61 13.07 26.46
CA PRO D 213 25.73 14.01 26.32
C PRO D 213 27.08 13.33 26.20
N GLY D 214 27.49 13.05 24.97
CA GLY D 214 28.77 12.41 24.70
C GLY D 214 28.58 10.94 24.37
N TRP D 215 27.36 10.46 24.48
CA TRP D 215 27.06 9.08 24.20
C TRP D 215 26.31 8.97 22.87
N GLU D 216 26.36 7.79 22.26
CA GLU D 216 25.67 7.54 20.97
C GLU D 216 25.59 6.02 20.74
N ALA D 217 24.39 5.53 20.38
CA ALA D 217 24.21 4.11 20.15
C ALA D 217 22.93 3.78 19.39
N ARG D 218 23.02 2.81 18.51
CA ARG D 218 21.89 2.38 17.71
C ARG D 218 21.22 1.17 18.36
N GLY D 219 19.93 1.02 18.15
CA GLY D 219 19.24 -0.12 18.71
C GLY D 219 19.43 -1.25 17.73
N SER D 220 19.41 -2.49 18.21
CA SER D 220 19.61 -3.64 17.34
C SER D 220 18.34 -4.33 16.83
N PHE D 221 18.15 -4.31 15.51
CA PHE D 221 17.02 -4.97 14.89
C PHE D 221 17.44 -5.28 13.47
N SER D 222 16.52 -5.66 12.59
CA SER D 222 16.92 -5.97 11.23
C SER D 222 15.78 -5.65 10.29
N GLN D 223 15.97 -5.80 9.00
CA GLN D 223 14.89 -5.49 8.07
C GLN D 223 13.73 -6.43 8.34
N ALA D 224 14.05 -7.59 8.89
CA ALA D 224 13.01 -8.56 9.17
C ALA D 224 12.11 -8.08 10.27
N ASP D 225 12.65 -7.27 11.18
CA ASP D 225 11.89 -6.75 12.31
C ASP D 225 11.09 -5.50 12.06
N VAL D 226 11.05 -5.03 10.82
CA VAL D 226 10.33 -3.82 10.48
C VAL D 226 9.02 -4.22 9.86
N HIS D 227 8.05 -4.48 10.74
CA HIS D 227 6.68 -4.92 10.39
C HIS D 227 5.92 -3.85 9.71
N ARG D 228 5.55 -4.12 8.45
CA ARG D 228 4.78 -3.24 7.58
C ARG D 228 5.13 -1.72 7.47
N GLN D 229 6.43 -1.42 7.57
CA GLN D 229 7.01 -0.08 7.48
C GLN D 229 6.55 0.77 8.61
N VAL D 230 5.62 0.28 9.42
CA VAL D 230 5.06 1.09 10.51
C VAL D 230 5.23 0.57 11.90
N ALA D 231 6.16 -0.37 12.08
CA ALA D 231 6.45 -0.94 13.39
C ALA D 231 7.82 -1.57 13.33
N ILE D 232 8.61 -1.35 14.38
CA ILE D 232 9.96 -1.88 14.44
C ILE D 232 10.11 -2.55 15.79
N VAL D 233 10.65 -3.76 15.81
CA VAL D 233 10.89 -4.45 17.07
C VAL D 233 12.39 -4.58 17.13
N PHE D 234 13.00 -3.93 18.11
CA PHE D 234 14.45 -3.95 18.24
C PHE D 234 14.86 -4.10 19.68
N ARG D 235 16.17 -4.15 19.94
CA ARG D 235 16.61 -4.30 21.30
C ARG D 235 17.56 -3.17 21.66
N THR D 236 17.30 -2.55 22.81
CA THR D 236 18.09 -1.43 23.29
C THR D 236 19.54 -1.77 23.37
N PRO D 237 20.43 -0.80 23.11
CA PRO D 237 21.88 -0.93 23.15
C PRO D 237 22.30 -0.67 24.57
N PRO D 238 23.48 -1.16 24.97
CA PRO D 238 23.95 -0.96 26.33
C PRO D 238 24.21 0.49 26.55
N TYR D 239 24.12 0.95 27.77
CA TYR D 239 24.41 2.35 28.05
C TYR D 239 25.93 2.59 28.19
N ALA D 240 26.30 3.86 28.29
CA ALA D 240 27.70 4.25 28.44
C ALA D 240 28.21 3.55 29.69
N ASP D 241 27.65 3.93 30.84
CA ASP D 241 28.01 3.33 32.12
C ASP D 241 27.13 2.09 32.24
N PRO D 242 27.72 0.88 32.20
CA PRO D 242 27.00 -0.40 32.30
C PRO D 242 26.57 -0.80 33.73
N SER D 243 27.39 -0.48 34.71
CA SER D 243 27.08 -0.79 36.09
C SER D 243 26.40 0.38 36.78
N LEU D 244 25.34 0.90 36.16
CA LEU D 244 24.61 2.03 36.72
C LEU D 244 24.09 1.79 38.13
N GLN D 245 23.89 2.87 38.89
CA GLN D 245 23.38 2.76 40.26
C GLN D 245 22.24 3.74 40.44
N ALA D 246 21.85 4.35 39.33
CA ALA D 246 20.76 5.32 39.31
C ALA D 246 20.41 5.58 37.86
N PRO D 247 19.15 6.02 37.60
CA PRO D 247 18.68 6.30 36.26
C PRO D 247 19.52 7.30 35.47
N VAL D 248 19.34 7.27 34.16
CA VAL D 248 20.03 8.18 33.26
C VAL D 248 19.09 8.41 32.09
N ARG D 249 18.56 9.62 32.00
CA ARG D 249 17.68 9.89 30.88
C ARG D 249 18.60 10.03 29.69
N VAL D 250 18.21 9.42 28.58
CA VAL D 250 18.93 9.59 27.32
C VAL D 250 17.76 9.82 26.38
N SER D 251 18.03 10.01 25.11
CA SER D 251 16.92 10.21 24.22
C SER D 251 17.01 9.21 23.10
N MET D 252 15.85 8.69 22.72
CA MET D 252 15.72 7.70 21.67
C MET D 252 15.03 8.41 20.54
N GLN D 253 15.44 8.12 19.31
CA GLN D 253 14.77 8.71 18.18
C GLN D 253 15.05 7.97 16.89
N LEU D 254 14.14 8.08 15.94
CA LEU D 254 14.30 7.41 14.66
C LEU D 254 15.26 8.20 13.78
N ARG D 255 16.18 7.51 13.15
CA ARG D 255 17.18 8.13 12.27
C ARG D 255 17.20 7.45 10.93
N ARG D 256 17.20 8.26 9.89
CA ARG D 256 17.21 7.79 8.53
C ARG D 256 18.60 7.97 7.97
N PRO D 257 19.31 6.87 7.73
CA PRO D 257 20.67 6.88 7.18
C PRO D 257 20.90 7.83 6.02
N SER D 258 20.19 7.60 4.93
CA SER D 258 20.29 8.41 3.72
C SER D 258 20.40 9.94 3.91
N ASP D 259 19.55 10.47 4.77
CA ASP D 259 19.47 11.90 5.02
C ASP D 259 20.06 12.36 6.34
N ARG D 260 20.37 11.46 7.26
CA ARG D 260 20.90 11.81 8.59
C ARG D 260 19.77 12.52 9.38
N GLU D 261 18.56 12.42 8.83
CA GLU D 261 17.34 13.01 9.37
C GLU D 261 16.82 12.31 10.62
N LEU D 262 16.32 13.09 11.57
CA LEU D 262 15.83 12.52 12.81
C LEU D 262 14.38 12.87 13.11
N SER D 263 13.85 12.21 14.14
CA SER D 263 12.47 12.43 14.56
C SER D 263 12.56 13.13 15.90
N GLU D 264 11.46 13.72 16.36
CA GLU D 264 11.51 14.35 17.67
C GLU D 264 12.00 13.30 18.65
N PRO D 265 12.86 13.68 19.61
CA PRO D 265 13.41 12.76 20.61
C PRO D 265 12.45 12.29 21.65
N MET D 266 12.38 10.98 21.85
CA MET D 266 11.53 10.37 22.86
C MET D 266 12.43 10.05 24.02
N GLU D 267 12.10 10.55 25.20
CA GLU D 267 12.97 10.28 26.34
C GLU D 267 12.95 8.81 26.71
N PHE D 268 14.14 8.24 26.82
CA PHE D 268 14.32 6.87 27.24
C PHE D 268 15.14 7.01 28.48
N GLN D 269 14.78 6.28 29.52
CA GLN D 269 15.49 6.39 30.79
C GLN D 269 16.16 5.09 31.24
N TYR D 270 17.43 4.93 30.87
CA TYR D 270 18.21 3.75 31.25
C TYR D 270 18.20 3.64 32.77
N LEU D 271 18.23 2.41 33.28
CA LEU D 271 18.19 2.17 34.73
C LEU D 271 19.25 1.16 35.15
N PRO D 272 19.47 1.05 36.46
CA PRO D 272 20.46 0.09 36.93
C PRO D 272 19.92 -1.32 36.72
N ASP D 273 20.75 -2.20 36.19
CA ASP D 273 20.29 -3.57 35.93
C ASP D 273 19.80 -4.25 37.20
S1 DTT E . -22.46 -10.52 -5.22
C1 DTT E . -23.59 -10.03 -3.89
C2 DTT E . -23.46 -8.60 -3.36
O2 DTT E . -23.64 -7.66 -4.41
C3 DTT E . -24.50 -8.35 -2.23
O3 DTT E . -25.04 -7.02 -2.36
C4 DTT E . -23.85 -8.50 -0.84
S4 DTT E . -22.82 -10.01 -0.54
S1 DTT F . 16.14 13.35 -14.36
C1 DTT F . 17.17 12.12 -15.21
C2 DTT F . 17.71 10.98 -14.33
O2 DTT F . 16.65 10.42 -13.54
C3 DTT F . 18.30 9.88 -15.22
O3 DTT F . 17.29 9.39 -16.12
C4 DTT F . 18.83 8.72 -14.38
S4 DTT F . 18.89 7.14 -15.30
#